data_2EVQ
#
_entry.id   2EVQ
#
_entity_poly.entity_id   1
_entity_poly.type   'polypeptide(L)'
_entity_poly.pdbx_seq_one_letter_code
;KTWNPATGKWTE
;
_entity_poly.pdbx_strand_id   A
#
# COMPACT_ATOMS: atom_id res chain seq x y z
N LYS A 1 5.83 -5.92 4.06
CA LYS A 1 4.80 -5.00 3.53
C LYS A 1 5.32 -4.10 2.41
N THR A 2 4.42 -3.69 1.50
CA THR A 2 4.68 -2.69 0.44
C THR A 2 3.61 -1.60 0.47
N TRP A 3 3.97 -0.34 0.23
CA TRP A 3 2.99 0.75 0.18
C TRP A 3 2.27 0.75 -1.18
N ASN A 4 0.97 1.06 -1.18
CA ASN A 4 0.14 1.17 -2.37
C ASN A 4 -0.40 2.61 -2.54
N PRO A 5 0.32 3.50 -3.27
CA PRO A 5 -0.11 4.88 -3.50
C PRO A 5 -1.50 5.01 -4.16
N ALA A 6 -1.92 3.99 -4.92
CA ALA A 6 -3.20 3.98 -5.62
C ALA A 6 -4.40 4.01 -4.66
N THR A 7 -4.33 3.27 -3.54
CA THR A 7 -5.39 3.21 -2.52
C THR A 7 -5.04 3.95 -1.23
N GLY A 8 -3.75 4.17 -0.93
CA GLY A 8 -3.30 4.83 0.29
C GLY A 8 -3.11 3.90 1.49
N LYS A 9 -2.77 2.62 1.26
CA LYS A 9 -2.56 1.61 2.31
C LYS A 9 -1.33 0.73 2.06
N TRP A 10 -0.92 0.02 3.10
CA TRP A 10 0.13 -0.99 3.06
C TRP A 10 -0.46 -2.36 2.70
N THR A 11 0.30 -3.16 1.94
CA THR A 11 -0.02 -4.54 1.56
C THR A 11 0.90 -5.50 2.29
N GLU A 12 0.39 -6.71 2.61
CA GLU A 12 1.09 -7.84 3.23
C GLU A 12 0.66 -9.12 2.53
N LYS A 1 6.16 -5.56 4.16
CA LYS A 1 4.99 -4.81 3.68
C LYS A 1 5.38 -3.86 2.55
N THR A 2 4.46 -3.57 1.64
CA THR A 2 4.64 -2.66 0.50
C THR A 2 3.56 -1.58 0.55
N TRP A 3 3.88 -0.33 0.20
CA TRP A 3 2.89 0.75 0.14
C TRP A 3 2.21 0.77 -1.23
N ASN A 4 0.91 1.06 -1.28
CA ASN A 4 0.14 1.21 -2.51
C ASN A 4 -0.41 2.65 -2.64
N PRO A 5 0.30 3.57 -3.32
CA PRO A 5 -0.15 4.95 -3.54
C PRO A 5 -1.55 5.06 -4.16
N ALA A 6 -1.98 4.09 -4.97
CA ALA A 6 -3.28 4.05 -5.62
C ALA A 6 -4.46 3.96 -4.63
N THR A 7 -4.30 3.27 -3.48
CA THR A 7 -5.33 3.13 -2.44
C THR A 7 -4.96 3.78 -1.11
N GLY A 8 -3.71 4.23 -0.95
CA GLY A 8 -3.20 4.89 0.26
C GLY A 8 -3.12 3.96 1.46
N LYS A 9 -2.72 2.69 1.26
CA LYS A 9 -2.61 1.66 2.30
C LYS A 9 -1.34 0.81 2.10
N TRP A 10 -0.96 0.07 3.14
CA TRP A 10 0.08 -0.96 3.10
C TRP A 10 -0.52 -2.33 2.72
N THR A 11 0.31 -3.20 2.15
CA THR A 11 0.01 -4.60 1.82
C THR A 11 1.08 -5.54 2.37
N GLU A 12 0.64 -6.68 2.91
CA GLU A 12 1.45 -7.77 3.46
C GLU A 12 1.19 -9.08 2.70
N LYS A 1 5.92 -5.99 3.88
CA LYS A 1 4.91 -4.94 3.60
C LYS A 1 5.38 -4.03 2.47
N THR A 2 4.44 -3.62 1.62
CA THR A 2 4.59 -2.71 0.47
C THR A 2 3.55 -1.60 0.56
N TRP A 3 3.91 -0.36 0.19
CA TRP A 3 2.94 0.73 0.13
C TRP A 3 2.25 0.74 -1.25
N ASN A 4 0.95 1.05 -1.27
CA ASN A 4 0.18 1.20 -2.51
C ASN A 4 -0.40 2.62 -2.63
N PRO A 5 0.31 3.56 -3.30
CA PRO A 5 -0.15 4.94 -3.50
C PRO A 5 -1.55 5.05 -4.12
N ALA A 6 -1.93 4.09 -4.97
CA ALA A 6 -3.22 4.06 -5.65
C ALA A 6 -4.42 3.93 -4.69
N THR A 7 -4.26 3.21 -3.57
CA THR A 7 -5.30 3.03 -2.54
C THR A 7 -5.00 3.76 -1.24
N GLY A 8 -3.75 4.14 -0.97
CA GLY A 8 -3.36 4.85 0.24
C GLY A 8 -3.23 3.97 1.48
N LYS A 9 -2.74 2.72 1.32
CA LYS A 9 -2.56 1.75 2.42
C LYS A 9 -1.45 0.75 2.12
N TRP A 10 -0.88 0.16 3.18
CA TRP A 10 0.13 -0.90 3.13
C TRP A 10 -0.49 -2.26 2.82
N THR A 11 0.05 -2.98 1.83
CA THR A 11 -0.14 -4.41 1.57
C THR A 11 0.94 -5.23 2.28
N GLU A 12 0.57 -6.45 2.69
CA GLU A 12 1.39 -7.48 3.33
C GLU A 12 2.62 -7.90 2.49
N LYS A 1 6.54 -5.64 3.59
CA LYS A 1 5.33 -4.81 3.37
C LYS A 1 5.60 -3.82 2.24
N THR A 2 4.56 -3.51 1.46
CA THR A 2 4.59 -2.70 0.25
C THR A 2 3.42 -1.70 0.25
N TRP A 3 3.72 -0.41 0.35
CA TRP A 3 2.71 0.66 0.30
C TRP A 3 2.06 0.73 -1.09
N ASN A 4 0.74 0.88 -1.14
CA ASN A 4 -0.01 1.06 -2.38
C ASN A 4 -0.47 2.53 -2.56
N PRO A 5 0.25 3.34 -3.36
CA PRO A 5 -0.12 4.74 -3.60
C PRO A 5 -1.44 4.91 -4.39
N ALA A 6 -1.92 3.86 -5.08
CA ALA A 6 -3.20 3.91 -5.79
C ALA A 6 -4.43 3.90 -4.86
N THR A 7 -4.25 3.54 -3.58
CA THR A 7 -5.33 3.49 -2.57
C THR A 7 -4.98 4.18 -1.26
N GLY A 8 -3.70 4.24 -0.88
CA GLY A 8 -3.24 4.88 0.36
C GLY A 8 -3.23 3.92 1.55
N LYS A 9 -2.81 2.66 1.34
CA LYS A 9 -2.71 1.63 2.39
C LYS A 9 -1.50 0.71 2.20
N TRP A 10 -1.05 0.08 3.28
CA TRP A 10 0.01 -0.93 3.27
C TRP A 10 -0.50 -2.29 2.79
N THR A 11 0.41 -3.09 2.24
CA THR A 11 0.16 -4.44 1.72
C THR A 11 1.34 -5.33 2.10
N GLU A 12 1.21 -6.64 1.94
CA GLU A 12 2.28 -7.61 2.19
C GLU A 12 2.89 -8.06 0.85
N LYS A 1 6.13 -6.01 3.50
CA LYS A 1 5.16 -4.89 3.50
C LYS A 1 5.46 -3.99 2.30
N THR A 2 4.44 -3.64 1.51
CA THR A 2 4.55 -2.75 0.34
C THR A 2 3.42 -1.70 0.34
N TRP A 3 3.79 -0.41 0.37
CA TRP A 3 2.84 0.69 0.26
C TRP A 3 2.16 0.70 -1.11
N ASN A 4 0.86 1.02 -1.15
CA ASN A 4 0.08 1.10 -2.38
C ASN A 4 -0.48 2.53 -2.59
N PRO A 5 0.27 3.41 -3.29
CA PRO A 5 -0.13 4.81 -3.54
C PRO A 5 -1.51 4.95 -4.20
N ALA A 6 -1.92 3.97 -5.00
CA ALA A 6 -3.19 3.97 -5.72
C ALA A 6 -4.42 3.93 -4.79
N THR A 7 -4.29 3.38 -3.58
CA THR A 7 -5.37 3.27 -2.58
C THR A 7 -5.05 3.97 -1.25
N GLY A 8 -3.77 4.22 -0.95
CA GLY A 8 -3.36 4.89 0.29
C GLY A 8 -3.31 3.97 1.50
N LYS A 9 -2.82 2.73 1.34
CA LYS A 9 -2.60 1.75 2.42
C LYS A 9 -1.35 0.93 2.18
N TRP A 10 -0.87 0.25 3.23
CA TRP A 10 0.14 -0.81 3.13
C TRP A 10 -0.50 -2.14 2.70
N THR A 11 0.34 -2.99 2.09
CA THR A 11 0.03 -4.34 1.60
C THR A 11 1.09 -5.32 2.12
N GLU A 12 0.77 -6.61 2.07
CA GLU A 12 1.62 -7.77 2.38
C GLU A 12 1.16 -8.92 1.50
N LYS A 1 6.18 -5.71 3.92
CA LYS A 1 4.99 -4.94 3.48
C LYS A 1 5.39 -3.89 2.45
N THR A 2 4.47 -3.52 1.56
CA THR A 2 4.66 -2.53 0.47
C THR A 2 3.51 -1.52 0.51
N TRP A 3 3.81 -0.23 0.29
CA TRP A 3 2.80 0.83 0.22
C TRP A 3 2.12 0.84 -1.14
N ASN A 4 0.79 0.98 -1.17
CA ASN A 4 0.00 1.09 -2.38
C ASN A 4 -0.45 2.55 -2.61
N PRO A 5 0.27 3.33 -3.46
CA PRO A 5 -0.08 4.73 -3.72
C PRO A 5 -1.42 4.90 -4.45
N ALA A 6 -1.95 3.84 -5.08
CA ALA A 6 -3.26 3.87 -5.74
C ALA A 6 -4.44 3.97 -4.76
N THR A 7 -4.30 3.49 -3.52
CA THR A 7 -5.36 3.52 -2.49
C THR A 7 -4.97 4.22 -1.19
N GLY A 8 -3.67 4.23 -0.82
CA GLY A 8 -3.20 4.82 0.43
C GLY A 8 -3.21 3.83 1.61
N LYS A 9 -2.79 2.59 1.38
CA LYS A 9 -2.60 1.57 2.42
C LYS A 9 -1.33 0.74 2.20
N TRP A 10 -0.91 0.04 3.25
CA TRP A 10 0.10 -1.01 3.19
C TRP A 10 -0.52 -2.34 2.73
N THR A 11 0.29 -3.18 2.08
CA THR A 11 -0.01 -4.54 1.64
C THR A 11 1.15 -5.47 2.01
N GLU A 12 0.87 -6.77 2.09
CA GLU A 12 1.80 -7.81 2.54
C GLU A 12 2.15 -8.78 1.40
N LYS A 1 7.04 -4.71 3.86
CA LYS A 1 5.71 -4.10 3.63
C LYS A 1 5.73 -3.38 2.28
N THR A 2 4.65 -3.46 1.52
CA THR A 2 4.49 -2.78 0.21
C THR A 2 3.32 -1.81 0.26
N TRP A 3 3.64 -0.50 0.27
CA TRP A 3 2.68 0.58 0.19
C TRP A 3 1.99 0.59 -1.19
N ASN A 4 0.72 0.99 -1.24
CA ASN A 4 -0.05 1.13 -2.47
C ASN A 4 -0.52 2.59 -2.65
N PRO A 5 0.26 3.45 -3.32
CA PRO A 5 -0.10 4.85 -3.56
C PRO A 5 -1.47 5.04 -4.23
N ALA A 6 -1.91 4.07 -5.04
CA ALA A 6 -3.18 4.10 -5.75
C ALA A 6 -4.42 4.08 -4.82
N THR A 7 -4.30 3.50 -3.62
CA THR A 7 -5.40 3.44 -2.63
C THR A 7 -5.06 4.12 -1.30
N GLY A 8 -3.77 4.24 -0.95
CA GLY A 8 -3.33 4.83 0.31
C GLY A 8 -3.33 3.85 1.48
N LYS A 9 -2.86 2.61 1.28
CA LYS A 9 -2.71 1.59 2.34
C LYS A 9 -1.46 0.73 2.16
N TRP A 10 -1.04 0.09 3.26
CA TRP A 10 0.05 -0.88 3.27
C TRP A 10 -0.46 -2.29 2.95
N THR A 11 0.41 -3.09 2.35
CA THR A 11 0.18 -4.50 2.01
C THR A 11 1.43 -5.32 2.36
N GLU A 12 1.32 -6.66 2.27
CA GLU A 12 2.43 -7.61 2.43
C GLU A 12 3.13 -7.90 1.10
N LYS A 1 6.34 -5.51 3.83
CA LYS A 1 5.34 -4.41 3.72
C LYS A 1 5.53 -3.69 2.38
N THR A 2 4.46 -3.47 1.62
CA THR A 2 4.47 -2.75 0.34
C THR A 2 3.38 -1.68 0.34
N TRP A 3 3.75 -0.40 0.25
CA TRP A 3 2.79 0.71 0.16
C TRP A 3 2.12 0.73 -1.22
N ASN A 4 0.83 1.06 -1.27
CA ASN A 4 0.06 1.16 -2.50
C ASN A 4 -0.49 2.59 -2.69
N PRO A 5 0.26 3.51 -3.34
CA PRO A 5 -0.15 4.90 -3.57
C PRO A 5 -1.52 5.06 -4.23
N ALA A 6 -1.91 4.11 -5.09
CA ALA A 6 -3.20 4.09 -5.78
C ALA A 6 -4.42 3.96 -4.85
N THR A 7 -4.24 3.45 -3.61
CA THR A 7 -5.32 3.31 -2.62
C THR A 7 -5.02 3.99 -1.29
N GLY A 8 -3.73 4.18 -0.95
CA GLY A 8 -3.32 4.81 0.31
C GLY A 8 -3.28 3.84 1.50
N LYS A 9 -2.80 2.60 1.29
CA LYS A 9 -2.58 1.63 2.37
C LYS A 9 -1.33 0.77 2.13
N TRP A 10 -0.86 0.14 3.21
CA TRP A 10 0.18 -0.89 3.18
C TRP A 10 -0.42 -2.27 2.87
N THR A 11 0.34 -3.10 2.16
CA THR A 11 0.05 -4.51 1.86
C THR A 11 1.21 -5.40 2.32
N GLU A 12 1.01 -6.71 2.23
CA GLU A 12 1.96 -7.78 2.54
C GLU A 12 1.67 -8.96 1.61
N LYS A 1 5.63 -5.97 3.76
CA LYS A 1 4.92 -4.67 3.71
C LYS A 1 5.30 -3.89 2.46
N THR A 2 4.31 -3.56 1.63
CA THR A 2 4.45 -2.79 0.37
C THR A 2 3.37 -1.72 0.28
N TRP A 3 3.75 -0.43 0.38
CA TRP A 3 2.81 0.68 0.28
C TRP A 3 2.17 0.73 -1.12
N ASN A 4 0.86 1.00 -1.18
CA ASN A 4 0.12 1.13 -2.42
C ASN A 4 -0.43 2.57 -2.61
N PRO A 5 0.30 3.47 -3.29
CA PRO A 5 -0.14 4.84 -3.55
C PRO A 5 -1.51 4.94 -4.23
N ALA A 6 -1.90 3.93 -5.02
CA ALA A 6 -3.18 3.88 -5.73
C ALA A 6 -4.40 3.81 -4.80
N THR A 7 -4.26 3.27 -3.57
CA THR A 7 -5.34 3.20 -2.57
C THR A 7 -5.01 3.92 -1.26
N GLY A 8 -3.74 4.16 -0.96
CA GLY A 8 -3.30 4.85 0.26
C GLY A 8 -3.22 3.93 1.48
N LYS A 9 -2.77 2.69 1.33
CA LYS A 9 -2.53 1.76 2.44
C LYS A 9 -1.32 0.85 2.21
N TRP A 10 -0.88 0.17 3.28
CA TRP A 10 0.15 -0.87 3.22
C TRP A 10 -0.46 -2.22 2.82
N THR A 11 0.27 -2.93 1.96
CA THR A 11 -0.02 -4.27 1.43
C THR A 11 1.04 -5.25 1.94
N GLU A 12 0.85 -6.55 1.67
CA GLU A 12 1.75 -7.65 2.03
C GLU A 12 2.04 -8.51 0.79
N LYS A 1 6.61 -5.22 3.87
CA LYS A 1 5.43 -4.34 3.65
C LYS A 1 5.60 -3.60 2.33
N THR A 2 4.52 -3.44 1.57
CA THR A 2 4.48 -2.82 0.24
C THR A 2 3.39 -1.75 0.22
N TRP A 3 3.77 -0.46 0.21
CA TRP A 3 2.82 0.65 0.15
C TRP A 3 2.12 0.70 -1.20
N ASN A 4 0.79 0.91 -1.19
CA ASN A 4 -0.02 1.04 -2.40
C ASN A 4 -0.50 2.50 -2.57
N PRO A 5 0.23 3.36 -3.30
CA PRO A 5 -0.11 4.78 -3.46
C PRO A 5 -1.42 5.01 -4.23
N ALA A 6 -1.88 4.01 -5.00
CA ALA A 6 -3.17 4.04 -5.70
C ALA A 6 -4.39 4.08 -4.76
N THR A 7 -4.30 3.45 -3.58
CA THR A 7 -5.39 3.42 -2.57
C THR A 7 -5.02 4.08 -1.25
N GLY A 8 -3.74 4.27 -0.95
CA GLY A 8 -3.26 4.88 0.29
C GLY A 8 -3.25 3.91 1.49
N LYS A 9 -2.88 2.65 1.28
CA LYS A 9 -2.76 1.62 2.33
C LYS A 9 -1.47 0.80 2.15
N TRP A 10 -1.05 0.12 3.23
CA TRP A 10 0.04 -0.85 3.20
C TRP A 10 -0.47 -2.25 2.81
N THR A 11 0.45 -3.05 2.28
CA THR A 11 0.26 -4.44 1.82
C THR A 11 1.43 -5.29 2.32
N GLU A 12 1.34 -6.62 2.20
CA GLU A 12 2.36 -7.57 2.60
C GLU A 12 3.34 -7.91 1.47
N LYS A 1 6.56 -5.54 3.65
CA LYS A 1 5.46 -4.57 3.52
C LYS A 1 5.64 -3.77 2.23
N THR A 2 4.55 -3.53 1.50
CA THR A 2 4.52 -2.79 0.23
C THR A 2 3.36 -1.78 0.24
N TRP A 3 3.68 -0.48 0.28
CA TRP A 3 2.72 0.60 0.21
C TRP A 3 2.08 0.67 -1.19
N ASN A 4 0.79 1.02 -1.26
CA ASN A 4 0.06 1.19 -2.51
C ASN A 4 -0.48 2.62 -2.66
N PRO A 5 0.29 3.54 -3.28
CA PRO A 5 -0.15 4.93 -3.52
C PRO A 5 -1.48 5.06 -4.26
N ALA A 6 -1.86 4.07 -5.09
CA ALA A 6 -3.12 4.08 -5.84
C ALA A 6 -4.37 3.93 -4.94
N THR A 7 -4.20 3.50 -3.68
CA THR A 7 -5.29 3.34 -2.72
C THR A 7 -5.04 3.97 -1.35
N GLY A 8 -3.77 4.14 -0.95
CA GLY A 8 -3.40 4.78 0.32
C GLY A 8 -3.36 3.82 1.51
N LYS A 9 -2.92 2.57 1.32
CA LYS A 9 -2.65 1.62 2.41
C LYS A 9 -1.39 0.78 2.18
N TRP A 10 -0.93 0.14 3.26
CA TRP A 10 0.14 -0.86 3.26
C TRP A 10 -0.42 -2.25 2.92
N THR A 11 0.41 -3.05 2.26
CA THR A 11 0.16 -4.44 1.86
C THR A 11 1.31 -5.33 2.35
N GLU A 12 1.07 -6.64 2.38
CA GLU A 12 2.01 -7.75 2.57
C GLU A 12 1.46 -8.96 1.78
N LYS A 1 5.95 -6.02 3.66
CA LYS A 1 4.85 -5.07 3.40
C LYS A 1 5.30 -4.04 2.38
N THR A 2 4.39 -3.60 1.50
CA THR A 2 4.59 -2.65 0.41
C THR A 2 3.47 -1.61 0.43
N TRP A 3 3.81 -0.32 0.31
CA TRP A 3 2.82 0.76 0.21
C TRP A 3 2.18 0.78 -1.17
N ASN A 4 0.87 1.04 -1.23
CA ASN A 4 0.13 1.20 -2.47
C ASN A 4 -0.40 2.64 -2.64
N PRO A 5 0.33 3.54 -3.34
CA PRO A 5 -0.11 4.91 -3.60
C PRO A 5 -1.50 5.02 -4.25
N ALA A 6 -1.92 4.01 -5.01
CA ALA A 6 -3.22 4.00 -5.70
C ALA A 6 -4.42 3.91 -4.73
N THR A 7 -4.26 3.26 -3.56
CA THR A 7 -5.33 3.12 -2.54
C THR A 7 -5.02 3.84 -1.24
N GLY A 8 -3.75 4.09 -0.91
CA GLY A 8 -3.34 4.77 0.32
C GLY A 8 -3.29 3.85 1.54
N LYS A 9 -2.83 2.60 1.38
CA LYS A 9 -2.54 1.66 2.48
C LYS A 9 -1.27 0.85 2.20
N TRP A 10 -0.78 0.19 3.24
CA TRP A 10 0.19 -0.90 3.16
C TRP A 10 -0.51 -2.21 2.76
N THR A 11 0.20 -3.06 2.03
CA THR A 11 -0.15 -4.44 1.69
C THR A 11 0.95 -5.38 2.16
N GLU A 12 0.60 -6.62 2.51
CA GLU A 12 1.51 -7.63 3.06
C GLU A 12 2.31 -8.37 1.98
N LYS A 1 6.39 -5.68 3.68
CA LYS A 1 5.27 -4.75 3.45
C LYS A 1 5.55 -3.91 2.21
N THR A 2 4.51 -3.61 1.44
CA THR A 2 4.55 -2.80 0.22
C THR A 2 3.40 -1.80 0.24
N TRP A 3 3.74 -0.50 0.26
CA TRP A 3 2.76 0.59 0.20
C TRP A 3 2.08 0.64 -1.17
N ASN A 4 0.80 0.99 -1.21
CA ASN A 4 0.04 1.16 -2.44
C ASN A 4 -0.48 2.61 -2.58
N PRO A 5 0.27 3.51 -3.26
CA PRO A 5 -0.15 4.89 -3.51
C PRO A 5 -1.49 5.02 -4.23
N ALA A 6 -1.90 4.02 -5.03
CA ALA A 6 -3.17 4.04 -5.76
C ALA A 6 -4.40 3.95 -4.86
N THR A 7 -4.25 3.49 -3.61
CA THR A 7 -5.33 3.34 -2.63
C THR A 7 -5.05 4.02 -1.29
N GLY A 8 -3.77 4.20 -0.92
CA GLY A 8 -3.38 4.85 0.32
C GLY A 8 -3.30 3.91 1.52
N LYS A 9 -2.88 2.65 1.30
CA LYS A 9 -2.71 1.64 2.36
C LYS A 9 -1.46 0.79 2.16
N TRP A 10 -1.03 0.12 3.23
CA TRP A 10 0.04 -0.88 3.22
C TRP A 10 -0.49 -2.27 2.84
N THR A 11 0.38 -3.09 2.24
CA THR A 11 0.14 -4.48 1.85
C THR A 11 1.34 -5.33 2.31
N GLU A 12 1.25 -6.66 2.22
CA GLU A 12 2.32 -7.62 2.55
C GLU A 12 3.59 -7.41 1.71
N LYS A 1 5.68 -6.18 3.60
CA LYS A 1 4.79 -5.00 3.51
C LYS A 1 5.29 -4.06 2.44
N THR A 2 4.40 -3.62 1.53
CA THR A 2 4.68 -2.67 0.45
C THR A 2 3.54 -1.65 0.40
N TRP A 3 3.88 -0.35 0.35
CA TRP A 3 2.90 0.72 0.25
C TRP A 3 2.23 0.74 -1.13
N ASN A 4 0.91 1.02 -1.17
CA ASN A 4 0.14 1.12 -2.40
C ASN A 4 -0.42 2.56 -2.57
N PRO A 5 0.30 3.46 -3.28
CA PRO A 5 -0.15 4.83 -3.54
C PRO A 5 -1.53 4.92 -4.20
N ALA A 6 -1.92 3.90 -4.99
CA ALA A 6 -3.22 3.83 -5.67
C ALA A 6 -4.42 3.80 -4.72
N THR A 7 -4.28 3.21 -3.52
CA THR A 7 -5.35 3.17 -2.50
C THR A 7 -5.00 3.92 -1.22
N GLY A 8 -3.73 4.21 -0.97
CA GLY A 8 -3.28 4.89 0.25
C GLY A 8 -3.21 3.96 1.47
N LYS A 9 -2.76 2.70 1.28
CA LYS A 9 -2.59 1.72 2.35
C LYS A 9 -1.36 0.84 2.13
N TRP A 10 -0.90 0.19 3.20
CA TRP A 10 0.13 -0.84 3.19
C TRP A 10 -0.47 -2.21 2.86
N THR A 11 0.08 -2.87 1.84
CA THR A 11 -0.25 -4.24 1.40
C THR A 11 0.92 -5.19 1.74
N GLU A 12 0.76 -6.49 1.54
CA GLU A 12 1.79 -7.51 1.85
C GLU A 12 3.09 -7.33 1.05
N LYS A 1 5.68 -6.26 3.59
CA LYS A 1 4.67 -5.21 3.35
C LYS A 1 5.19 -4.19 2.33
N THR A 2 4.31 -3.71 1.45
CA THR A 2 4.65 -2.67 0.45
C THR A 2 3.55 -1.60 0.39
N TRP A 3 3.90 -0.32 0.38
CA TRP A 3 2.92 0.77 0.26
C TRP A 3 2.24 0.76 -1.12
N ASN A 4 0.94 1.08 -1.15
CA ASN A 4 0.14 1.18 -2.37
C ASN A 4 -0.42 2.61 -2.55
N PRO A 5 0.30 3.49 -3.28
CA PRO A 5 -0.16 4.85 -3.60
C PRO A 5 -1.52 4.92 -4.29
N ALA A 6 -1.95 3.85 -4.99
CA ALA A 6 -3.23 3.83 -5.70
C ALA A 6 -4.44 3.80 -4.75
N THR A 7 -4.25 3.39 -3.49
CA THR A 7 -5.30 3.29 -2.47
C THR A 7 -4.97 4.02 -1.17
N GLY A 8 -3.68 4.27 -0.88
CA GLY A 8 -3.25 4.94 0.35
C GLY A 8 -3.17 3.98 1.54
N LYS A 9 -2.83 2.71 1.32
CA LYS A 9 -2.64 1.69 2.36
C LYS A 9 -1.36 0.89 2.13
N TRP A 10 -0.92 0.18 3.18
CA TRP A 10 0.10 -0.86 3.09
C TRP A 10 -0.53 -2.18 2.64
N THR A 11 0.21 -2.92 1.83
CA THR A 11 -0.05 -4.32 1.43
C THR A 11 0.80 -5.26 2.28
N GLU A 12 0.41 -6.54 2.33
CA GLU A 12 1.07 -7.59 3.10
C GLU A 12 2.08 -8.39 2.25
N LYS A 1 6.67 -5.30 3.76
CA LYS A 1 5.47 -4.44 3.63
C LYS A 1 5.57 -3.64 2.33
N THR A 2 4.46 -3.48 1.61
CA THR A 2 4.40 -2.83 0.30
C THR A 2 3.28 -1.79 0.28
N TRP A 3 3.64 -0.51 0.28
CA TRP A 3 2.68 0.60 0.18
C TRP A 3 2.08 0.67 -1.22
N ASN A 4 0.80 0.99 -1.32
CA ASN A 4 0.08 1.19 -2.58
C ASN A 4 -0.46 2.62 -2.68
N PRO A 5 0.29 3.57 -3.29
CA PRO A 5 -0.14 4.97 -3.47
C PRO A 5 -1.51 5.12 -4.13
N ALA A 6 -1.91 4.18 -5.00
CA ALA A 6 -3.18 4.19 -5.71
C ALA A 6 -4.40 4.04 -4.78
N THR A 7 -4.26 3.33 -3.65
CA THR A 7 -5.33 3.16 -2.65
C THR A 7 -5.04 3.85 -1.31
N GLY A 8 -3.77 4.18 -1.02
CA GLY A 8 -3.37 4.82 0.23
C GLY A 8 -3.31 3.87 1.42
N LYS A 9 -2.77 2.65 1.24
CA LYS A 9 -2.59 1.67 2.31
C LYS A 9 -1.33 0.80 2.13
N TRP A 10 -0.93 0.12 3.21
CA TRP A 10 0.12 -0.90 3.22
C TRP A 10 -0.43 -2.29 2.88
N THR A 11 0.46 -3.16 2.43
CA THR A 11 0.22 -4.55 2.04
C THR A 11 1.39 -5.44 2.50
N GLU A 12 1.21 -6.75 2.41
CA GLU A 12 2.21 -7.82 2.64
C GLU A 12 2.64 -8.49 1.32
N LYS A 1 6.18 -5.94 3.71
CA LYS A 1 5.15 -4.93 3.40
C LYS A 1 5.56 -4.07 2.21
N THR A 2 4.55 -3.66 1.44
CA THR A 2 4.67 -2.79 0.26
C THR A 2 3.58 -1.72 0.33
N TRP A 3 3.92 -0.42 0.21
CA TRP A 3 2.92 0.65 0.21
C TRP A 3 2.22 0.72 -1.15
N ASN A 4 0.89 0.92 -1.15
CA ASN A 4 0.09 1.09 -2.35
C ASN A 4 -0.42 2.55 -2.47
N PRO A 5 0.28 3.42 -3.24
CA PRO A 5 -0.13 4.80 -3.43
C PRO A 5 -1.43 4.96 -4.23
N ALA A 6 -1.88 3.93 -4.97
CA ALA A 6 -3.15 3.98 -5.69
C ALA A 6 -4.37 3.90 -4.76
N THR A 7 -4.20 3.41 -3.53
CA THR A 7 -5.29 3.24 -2.54
C THR A 7 -5.02 3.96 -1.21
N GLY A 8 -3.76 4.22 -0.84
CA GLY A 8 -3.41 4.87 0.42
C GLY A 8 -3.33 3.92 1.60
N LYS A 9 -2.91 2.67 1.38
CA LYS A 9 -2.69 1.66 2.42
C LYS A 9 -1.41 0.85 2.18
N TRP A 10 -0.94 0.21 3.25
CA TRP A 10 0.09 -0.82 3.20
C TRP A 10 -0.52 -2.16 2.78
N THR A 11 0.25 -2.93 2.03
CA THR A 11 -0.02 -4.30 1.60
C THR A 11 1.16 -5.18 2.01
N GLU A 12 1.05 -6.50 1.83
CA GLU A 12 2.10 -7.47 2.16
C GLU A 12 2.68 -8.07 0.88
N LYS A 1 6.08 -5.79 3.77
CA LYS A 1 5.18 -4.62 3.72
C LYS A 1 5.46 -3.84 2.45
N THR A 2 4.42 -3.50 1.69
CA THR A 2 4.53 -2.76 0.42
C THR A 2 3.43 -1.69 0.37
N TRP A 3 3.79 -0.42 0.21
CA TRP A 3 2.83 0.69 0.12
C TRP A 3 2.14 0.71 -1.25
N ASN A 4 0.85 1.05 -1.30
CA ASN A 4 0.10 1.24 -2.53
C ASN A 4 -0.42 2.68 -2.66
N PRO A 5 0.32 3.59 -3.33
CA PRO A 5 -0.12 4.97 -3.57
C PRO A 5 -1.49 5.10 -4.24
N ALA A 6 -1.92 4.09 -5.03
CA ALA A 6 -3.19 4.11 -5.74
C ALA A 6 -4.42 4.02 -4.80
N THR A 7 -4.27 3.38 -3.63
CA THR A 7 -5.35 3.25 -2.64
C THR A 7 -5.04 3.97 -1.32
N GLY A 8 -3.78 4.14 -0.95
CA GLY A 8 -3.37 4.79 0.29
C GLY A 8 -3.29 3.83 1.48
N LYS A 9 -2.85 2.59 1.28
CA LYS A 9 -2.60 1.61 2.35
C LYS A 9 -1.33 0.79 2.12
N TRP A 10 -0.90 0.10 3.17
CA TRP A 10 0.15 -0.92 3.12
C TRP A 10 -0.46 -2.31 2.89
N THR A 11 0.19 -3.09 2.02
CA THR A 11 0.01 -4.54 1.87
C THR A 11 1.09 -5.31 2.61
N GLU A 12 0.81 -6.58 2.92
CA GLU A 12 1.68 -7.54 3.59
C GLU A 12 2.65 -8.19 2.60
N LYS A 1 5.92 -6.37 3.07
CA LYS A 1 4.95 -5.27 3.13
C LYS A 1 5.36 -4.18 2.16
N THR A 2 4.42 -3.72 1.32
CA THR A 2 4.62 -2.69 0.30
C THR A 2 3.45 -1.71 0.34
N TRP A 3 3.75 -0.41 0.41
CA TRP A 3 2.76 0.66 0.32
C TRP A 3 2.12 0.70 -1.07
N ASN A 4 0.82 0.99 -1.14
CA ASN A 4 0.07 1.09 -2.38
C ASN A 4 -0.47 2.52 -2.59
N PRO A 5 0.28 3.41 -3.28
CA PRO A 5 -0.13 4.80 -3.55
C PRO A 5 -1.51 4.93 -4.22
N ALA A 6 -1.91 3.93 -5.02
CA ALA A 6 -3.19 3.89 -5.72
C ALA A 6 -4.41 3.83 -4.78
N THR A 7 -4.25 3.31 -3.56
CA THR A 7 -5.34 3.17 -2.56
C THR A 7 -5.03 3.80 -1.21
N GLY A 8 -3.78 4.19 -0.94
CA GLY A 8 -3.36 4.84 0.30
C GLY A 8 -3.39 3.89 1.50
N LYS A 9 -2.76 2.71 1.40
CA LYS A 9 -2.53 1.79 2.52
C LYS A 9 -1.31 0.89 2.27
N TRP A 10 -0.86 0.21 3.34
CA TRP A 10 0.13 -0.86 3.23
C TRP A 10 -0.53 -2.18 2.83
N THR A 11 0.21 -2.97 2.05
CA THR A 11 -0.13 -4.32 1.57
C THR A 11 0.99 -5.28 1.99
N GLU A 12 0.71 -6.58 1.97
CA GLU A 12 1.67 -7.67 2.21
C GLU A 12 2.90 -7.65 1.27
N LYS A 1 6.67 -5.50 3.58
CA LYS A 1 5.54 -4.55 3.51
C LYS A 1 5.72 -3.69 2.27
N THR A 2 4.63 -3.41 1.54
CA THR A 2 4.63 -2.61 0.32
C THR A 2 3.49 -1.59 0.39
N TRP A 3 3.80 -0.30 0.25
CA TRP A 3 2.78 0.75 0.21
C TRP A 3 2.10 0.79 -1.16
N ASN A 4 0.77 0.93 -1.18
CA ASN A 4 -0.02 1.04 -2.41
C ASN A 4 -0.48 2.50 -2.63
N PRO A 5 0.25 3.32 -3.42
CA PRO A 5 -0.07 4.73 -3.61
C PRO A 5 -1.40 4.97 -4.34
N ALA A 6 -1.91 3.97 -5.08
CA ALA A 6 -3.21 4.03 -5.74
C ALA A 6 -4.41 4.05 -4.78
N THR A 7 -4.28 3.49 -3.56
CA THR A 7 -5.36 3.44 -2.56
C THR A 7 -4.99 4.08 -1.21
N GLY A 8 -3.69 4.25 -0.92
CA GLY A 8 -3.21 4.82 0.32
C GLY A 8 -3.25 3.86 1.52
N LYS A 9 -2.84 2.59 1.32
CA LYS A 9 -2.68 1.59 2.38
C LYS A 9 -1.39 0.78 2.20
N TRP A 10 -0.96 0.12 3.28
CA TRP A 10 0.11 -0.89 3.24
C TRP A 10 -0.45 -2.26 2.84
N THR A 11 0.42 -3.09 2.25
CA THR A 11 0.15 -4.47 1.82
C THR A 11 1.36 -5.36 2.15
N GLU A 12 1.14 -6.68 2.09
CA GLU A 12 2.09 -7.78 2.29
C GLU A 12 1.67 -8.94 1.37
N LYS A 1 6.32 -5.77 3.75
CA LYS A 1 5.24 -4.76 3.61
C LYS A 1 5.57 -3.84 2.44
N THR A 2 4.58 -3.53 1.62
CA THR A 2 4.68 -2.71 0.41
C THR A 2 3.57 -1.66 0.45
N TRP A 3 3.91 -0.39 0.27
CA TRP A 3 2.90 0.68 0.22
C TRP A 3 2.20 0.70 -1.15
N ASN A 4 0.90 0.99 -1.17
CA ASN A 4 0.11 1.12 -2.40
C ASN A 4 -0.43 2.56 -2.55
N PRO A 5 0.30 3.46 -3.25
CA PRO A 5 -0.13 4.85 -3.48
C PRO A 5 -1.52 4.97 -4.14
N ALA A 6 -1.92 3.98 -4.95
CA ALA A 6 -3.21 3.95 -5.64
C ALA A 6 -4.42 3.92 -4.69
N THR A 7 -4.31 3.24 -3.53
CA THR A 7 -5.38 3.16 -2.52
C THR A 7 -5.02 3.89 -1.22
N GLY A 8 -3.74 4.20 -0.99
CA GLY A 8 -3.28 4.90 0.21
C GLY A 8 -3.22 4.01 1.45
N LYS A 9 -2.81 2.73 1.30
CA LYS A 9 -2.64 1.75 2.37
C LYS A 9 -1.40 0.88 2.16
N TRP A 10 -0.96 0.20 3.22
CA TRP A 10 0.07 -0.83 3.17
C TRP A 10 -0.53 -2.17 2.73
N THR A 11 0.31 -3.04 2.17
CA THR A 11 -0.02 -4.39 1.71
C THR A 11 1.16 -5.33 1.99
N GLU A 12 0.95 -6.64 1.81
CA GLU A 12 1.90 -7.73 2.05
C GLU A 12 1.63 -8.90 1.09
N LYS A 1 5.87 -6.07 3.62
CA LYS A 1 4.85 -5.01 3.44
C LYS A 1 5.29 -4.06 2.34
N THR A 2 4.36 -3.62 1.47
CA THR A 2 4.63 -2.65 0.41
C THR A 2 3.56 -1.57 0.44
N TRP A 3 3.91 -0.29 0.24
CA TRP A 3 2.91 0.78 0.18
C TRP A 3 2.19 0.77 -1.17
N ASN A 4 0.90 1.09 -1.19
CA ASN A 4 0.08 1.16 -2.40
C ASN A 4 -0.46 2.59 -2.62
N PRO A 5 0.29 3.47 -3.34
CA PRO A 5 -0.12 4.85 -3.61
C PRO A 5 -1.50 4.99 -4.27
N ALA A 6 -1.92 3.99 -5.05
CA ALA A 6 -3.22 3.95 -5.72
C ALA A 6 -4.42 3.97 -4.76
N THR A 7 -4.28 3.44 -3.53
CA THR A 7 -5.36 3.40 -2.51
C THR A 7 -4.99 4.07 -1.21
N GLY A 8 -3.70 4.25 -0.91
CA GLY A 8 -3.24 4.86 0.34
C GLY A 8 -3.22 3.88 1.53
N LYS A 9 -2.80 2.62 1.30
CA LYS A 9 -2.63 1.61 2.35
C LYS A 9 -1.34 0.78 2.13
N TRP A 10 -0.95 0.05 3.18
CA TRP A 10 0.12 -0.96 3.14
C TRP A 10 -0.45 -2.33 2.79
N THR A 11 0.24 -3.06 1.91
CA THR A 11 0.01 -4.48 1.62
C THR A 11 0.83 -5.33 2.58
N GLU A 12 0.50 -6.63 2.63
CA GLU A 12 1.35 -7.68 3.18
C GLU A 12 2.34 -8.20 2.11
N LYS A 1 6.06 -5.82 3.56
CA LYS A 1 5.21 -4.61 3.59
C LYS A 1 5.51 -3.77 2.36
N THR A 2 4.49 -3.51 1.54
CA THR A 2 4.55 -2.66 0.34
C THR A 2 3.42 -1.64 0.39
N TRP A 3 3.74 -0.35 0.31
CA TRP A 3 2.76 0.72 0.21
C TRP A 3 2.10 0.73 -1.16
N ASN A 4 0.81 1.06 -1.23
CA ASN A 4 0.04 1.14 -2.46
C ASN A 4 -0.50 2.57 -2.69
N PRO A 5 0.26 3.46 -3.38
CA PRO A 5 -0.13 4.85 -3.62
C PRO A 5 -1.51 5.01 -4.28
N ALA A 6 -1.92 4.04 -5.11
CA ALA A 6 -3.22 4.02 -5.78
C ALA A 6 -4.43 3.93 -4.84
N THR A 7 -4.25 3.45 -3.60
CA THR A 7 -5.33 3.34 -2.59
C THR A 7 -5.00 4.01 -1.26
N GLY A 8 -3.72 4.20 -0.92
CA GLY A 8 -3.30 4.83 0.33
C GLY A 8 -3.29 3.87 1.52
N LYS A 9 -2.79 2.63 1.33
CA LYS A 9 -2.58 1.66 2.41
C LYS A 9 -1.30 0.83 2.21
N TRP A 10 -0.87 0.16 3.27
CA TRP A 10 0.15 -0.89 3.22
C TRP A 10 -0.49 -2.24 2.89
N THR A 11 0.25 -3.07 2.14
CA THR A 11 -0.06 -4.47 1.82
C THR A 11 1.13 -5.35 2.23
N GLU A 12 0.91 -6.66 2.36
CA GLU A 12 1.93 -7.68 2.65
C GLU A 12 2.93 -7.88 1.49
N LYS A 1 5.61 -6.49 3.34
CA LYS A 1 4.70 -5.36 3.12
C LYS A 1 5.29 -4.34 2.16
N THR A 2 4.43 -3.77 1.30
CA THR A 2 4.72 -2.70 0.34
C THR A 2 3.60 -1.64 0.43
N TRP A 3 3.93 -0.35 0.32
CA TRP A 3 2.92 0.71 0.27
C TRP A 3 2.22 0.73 -1.09
N ASN A 4 0.91 1.03 -1.11
CA ASN A 4 0.11 1.10 -2.33
C ASN A 4 -0.44 2.53 -2.55
N PRO A 5 0.30 3.41 -3.26
CA PRO A 5 -0.12 4.79 -3.52
C PRO A 5 -1.50 4.92 -4.19
N ALA A 6 -1.90 3.92 -4.99
CA ALA A 6 -3.18 3.87 -5.69
C ALA A 6 -4.40 3.84 -4.75
N THR A 7 -4.27 3.26 -3.54
CA THR A 7 -5.36 3.19 -2.55
C THR A 7 -5.04 3.91 -1.24
N GLY A 8 -3.77 4.15 -0.94
CA GLY A 8 -3.34 4.84 0.29
C GLY A 8 -3.29 3.93 1.52
N LYS A 9 -2.86 2.67 1.37
CA LYS A 9 -2.56 1.75 2.48
C LYS A 9 -1.32 0.91 2.20
N TRP A 10 -0.78 0.28 3.25
CA TRP A 10 0.17 -0.82 3.14
C TRP A 10 -0.55 -2.10 2.72
N THR A 11 0.12 -2.91 1.89
CA THR A 11 -0.28 -4.26 1.47
C THR A 11 0.89 -5.22 1.76
N GLU A 12 0.69 -6.53 1.68
CA GLU A 12 1.72 -7.54 2.02
C GLU A 12 2.81 -7.70 0.94
N LYS A 1 6.18 -5.83 3.83
CA LYS A 1 5.01 -4.99 3.48
C LYS A 1 5.40 -4.06 2.33
N THR A 2 4.44 -3.69 1.48
CA THR A 2 4.62 -2.75 0.36
C THR A 2 3.53 -1.69 0.41
N TRP A 3 3.88 -0.41 0.25
CA TRP A 3 2.89 0.67 0.21
C TRP A 3 2.22 0.72 -1.16
N ASN A 4 0.91 0.99 -1.20
CA ASN A 4 0.16 1.14 -2.44
C ASN A 4 -0.40 2.58 -2.56
N PRO A 5 0.31 3.52 -3.22
CA PRO A 5 -0.15 4.89 -3.43
C PRO A 5 -1.53 4.98 -4.10
N ALA A 6 -1.89 4.01 -4.95
CA ALA A 6 -3.15 3.99 -5.67
C ALA A 6 -4.38 3.86 -4.75
N THR A 7 -4.25 3.16 -3.61
CA THR A 7 -5.32 3.01 -2.61
C THR A 7 -5.03 3.75 -1.30
N GLY A 8 -3.78 4.13 -1.03
CA GLY A 8 -3.39 4.85 0.17
C GLY A 8 -3.25 3.96 1.41
N LYS A 9 -2.74 2.73 1.26
CA LYS A 9 -2.49 1.82 2.38
C LYS A 9 -1.31 0.86 2.14
N TRP A 10 -0.83 0.25 3.22
CA TRP A 10 0.16 -0.82 3.19
C TRP A 10 -0.49 -2.17 2.87
N THR A 11 0.20 -2.98 2.05
CA THR A 11 -0.16 -4.35 1.67
C THR A 11 0.97 -5.32 2.03
N GLU A 12 0.69 -6.62 1.92
CA GLU A 12 1.58 -7.74 2.29
C GLU A 12 2.03 -8.48 1.03
N LYS A 1 5.87 -5.91 3.78
CA LYS A 1 4.76 -4.99 3.44
C LYS A 1 5.23 -3.93 2.45
N THR A 2 4.35 -3.55 1.52
CA THR A 2 4.61 -2.60 0.44
C THR A 2 3.46 -1.59 0.36
N TRP A 3 3.80 -0.30 0.36
CA TRP A 3 2.83 0.78 0.24
C TRP A 3 2.17 0.77 -1.13
N ASN A 4 0.86 1.08 -1.19
CA ASN A 4 0.09 1.15 -2.42
C ASN A 4 -0.46 2.56 -2.64
N PRO A 5 0.28 3.46 -3.33
CA PRO A 5 -0.15 4.84 -3.60
C PRO A 5 -1.53 4.96 -4.27
N ALA A 6 -1.93 3.94 -5.04
CA ALA A 6 -3.22 3.90 -5.74
C ALA A 6 -4.43 3.86 -4.80
N THR A 7 -4.25 3.40 -3.56
CA THR A 7 -5.32 3.28 -2.54
C THR A 7 -4.99 3.99 -1.23
N GLY A 8 -3.71 4.19 -0.91
CA GLY A 8 -3.27 4.86 0.32
C GLY A 8 -3.21 3.95 1.54
N LYS A 9 -2.78 2.69 1.36
CA LYS A 9 -2.59 1.70 2.44
C LYS A 9 -1.32 0.86 2.20
N TRP A 10 -0.87 0.15 3.24
CA TRP A 10 0.16 -0.88 3.16
C TRP A 10 -0.47 -2.23 2.80
N THR A 11 0.22 -3.00 1.95
CA THR A 11 -0.16 -4.35 1.51
C THR A 11 0.91 -5.35 1.94
N GLU A 12 0.55 -6.63 2.06
CA GLU A 12 1.47 -7.73 2.39
C GLU A 12 2.06 -8.38 1.13
N LYS A 1 5.96 -5.99 3.62
CA LYS A 1 5.04 -4.84 3.63
C LYS A 1 5.38 -3.94 2.45
N THR A 2 4.38 -3.60 1.63
CA THR A 2 4.53 -2.81 0.41
C THR A 2 3.47 -1.70 0.39
N TRP A 3 3.87 -0.43 0.34
CA TRP A 3 2.89 0.67 0.26
C TRP A 3 2.21 0.69 -1.11
N ASN A 4 0.91 1.01 -1.14
CA ASN A 4 0.11 1.12 -2.36
C ASN A 4 -0.42 2.57 -2.54
N PRO A 5 0.30 3.44 -3.26
CA PRO A 5 -0.14 4.81 -3.56
C PRO A 5 -1.50 4.90 -4.27
N ALA A 6 -1.94 3.86 -5.00
CA ALA A 6 -3.22 3.85 -5.71
C ALA A 6 -4.43 3.82 -4.77
N THR A 7 -4.24 3.39 -3.51
CA THR A 7 -5.30 3.29 -2.49
C THR A 7 -4.97 4.00 -1.17
N GLY A 8 -3.68 4.22 -0.87
CA GLY A 8 -3.24 4.86 0.36
C GLY A 8 -3.14 3.89 1.55
N LYS A 9 -2.77 2.62 1.32
CA LYS A 9 -2.66 1.57 2.35
C LYS A 9 -1.39 0.72 2.20
N TRP A 10 -1.03 0.01 3.27
CA TRP A 10 0.12 -0.91 3.36
C TRP A 10 -0.26 -2.35 3.04
N THR A 11 0.01 -2.79 1.81
CA THR A 11 -0.11 -4.19 1.39
C THR A 11 1.01 -5.04 2.02
N GLU A 12 0.93 -6.37 1.82
CA GLU A 12 1.96 -7.34 2.20
C GLU A 12 3.32 -7.10 1.52
N LYS A 1 6.44 -5.16 4.16
CA LYS A 1 5.25 -4.30 3.94
C LYS A 1 5.48 -3.47 2.67
N THR A 2 4.48 -3.38 1.81
CA THR A 2 4.52 -2.70 0.50
C THR A 2 3.46 -1.61 0.47
N TRP A 3 3.81 -0.36 0.17
CA TRP A 3 2.84 0.73 0.09
C TRP A 3 2.14 0.74 -1.27
N ASN A 4 0.84 1.06 -1.29
CA ASN A 4 0.05 1.19 -2.52
C ASN A 4 -0.48 2.63 -2.69
N PRO A 5 0.27 3.52 -3.37
CA PRO A 5 -0.14 4.91 -3.62
C PRO A 5 -1.53 5.06 -4.27
N ALA A 6 -1.96 4.07 -5.06
CA ALA A 6 -3.26 4.05 -5.73
C ALA A 6 -4.46 4.02 -4.77
N THR A 7 -4.30 3.46 -3.56
CA THR A 7 -5.37 3.40 -2.53
C THR A 7 -4.99 4.05 -1.20
N GLY A 8 -3.70 4.24 -0.92
CA GLY A 8 -3.22 4.83 0.32
C GLY A 8 -3.20 3.84 1.50
N LYS A 9 -2.75 2.60 1.28
CA LYS A 9 -2.61 1.56 2.31
C LYS A 9 -1.34 0.72 2.11
N TRP A 10 -0.98 -0.04 3.15
CA TRP A 10 0.09 -1.02 3.14
C TRP A 10 -0.44 -2.44 2.84
N THR A 11 0.40 -3.28 2.23
CA THR A 11 0.18 -4.69 1.91
C THR A 11 1.36 -5.57 2.34
N GLU A 12 1.17 -6.88 2.30
CA GLU A 12 2.11 -7.96 2.68
C GLU A 12 2.30 -8.94 1.51
N LYS A 1 6.53 -5.24 4.08
CA LYS A 1 5.27 -4.55 3.70
C LYS A 1 5.53 -3.66 2.49
N THR A 2 4.53 -3.51 1.62
CA THR A 2 4.59 -2.69 0.40
C THR A 2 3.52 -1.60 0.47
N TRP A 3 3.87 -0.35 0.15
CA TRP A 3 2.90 0.76 0.10
C TRP A 3 2.16 0.78 -1.23
N ASN A 4 0.84 0.94 -1.21
CA ASN A 4 0.01 1.08 -2.40
C ASN A 4 -0.46 2.54 -2.57
N PRO A 5 0.26 3.38 -3.34
CA PRO A 5 -0.10 4.78 -3.54
C PRO A 5 -1.43 4.98 -4.29
N ALA A 6 -1.92 3.95 -5.00
CA ALA A 6 -3.21 3.98 -5.70
C ALA A 6 -4.41 4.06 -4.74
N THR A 7 -4.33 3.42 -3.56
CA THR A 7 -5.41 3.43 -2.55
C THR A 7 -5.03 4.12 -1.25
N GLY A 8 -3.73 4.24 -0.94
CA GLY A 8 -3.26 4.83 0.31
C GLY A 8 -3.25 3.86 1.49
N LYS A 9 -2.84 2.60 1.28
CA LYS A 9 -2.64 1.60 2.34
C LYS A 9 -1.37 0.78 2.12
N TRP A 10 -0.92 0.13 3.20
CA TRP A 10 0.10 -0.91 3.16
C TRP A 10 -0.51 -2.27 2.77
N THR A 11 0.32 -3.11 2.15
CA THR A 11 0.09 -4.53 1.83
C THR A 11 1.21 -5.38 2.40
N GLU A 12 0.91 -6.66 2.63
CA GLU A 12 1.83 -7.71 3.07
C GLU A 12 2.55 -8.35 1.86
N LYS A 1 6.71 -4.98 4.07
CA LYS A 1 5.40 -4.42 3.69
C LYS A 1 5.54 -3.59 2.42
N THR A 2 4.49 -3.53 1.59
CA THR A 2 4.47 -2.78 0.32
C THR A 2 3.33 -1.76 0.34
N TRP A 3 3.66 -0.48 0.18
CA TRP A 3 2.70 0.63 0.09
C TRP A 3 2.00 0.65 -1.28
N ASN A 4 0.73 1.04 -1.31
CA ASN A 4 -0.05 1.20 -2.54
C ASN A 4 -0.53 2.66 -2.70
N PRO A 5 0.25 3.53 -3.38
CA PRO A 5 -0.12 4.94 -3.61
C PRO A 5 -1.49 5.12 -4.28
N ALA A 6 -1.93 4.14 -5.09
CA ALA A 6 -3.20 4.17 -5.79
C ALA A 6 -4.43 4.12 -4.87
N THR A 7 -4.30 3.61 -3.63
CA THR A 7 -5.39 3.55 -2.64
C THR A 7 -5.04 4.17 -1.28
N GLY A 8 -3.76 4.24 -0.91
CA GLY A 8 -3.32 4.80 0.37
C GLY A 8 -3.30 3.79 1.51
N LYS A 9 -2.80 2.57 1.27
CA LYS A 9 -2.68 1.50 2.28
C LYS A 9 -1.40 0.67 2.10
N TRP A 10 -0.99 -0.03 3.17
CA TRP A 10 0.10 -1.00 3.16
C TRP A 10 -0.42 -2.43 2.92
N THR A 11 0.50 -3.31 2.50
CA THR A 11 0.29 -4.75 2.33
C THR A 11 1.46 -5.54 2.90
N GLU A 12 1.21 -6.80 3.23
CA GLU A 12 2.14 -7.79 3.78
C GLU A 12 2.38 -8.92 2.77
N LYS A 1 6.39 -5.41 3.92
CA LYS A 1 5.23 -4.56 3.59
C LYS A 1 5.55 -3.71 2.37
N THR A 2 4.54 -3.47 1.54
CA THR A 2 4.60 -2.63 0.32
C THR A 2 3.47 -1.60 0.38
N TRP A 3 3.80 -0.32 0.18
CA TRP A 3 2.80 0.76 0.16
C TRP A 3 2.13 0.82 -1.21
N ASN A 4 0.80 0.97 -1.23
CA ASN A 4 0.03 1.13 -2.45
C ASN A 4 -0.48 2.58 -2.60
N PRO A 5 0.25 3.46 -3.33
CA PRO A 5 -0.15 4.85 -3.51
C PRO A 5 -1.43 5.03 -4.36
N ALA A 6 -1.85 4.00 -5.11
CA ALA A 6 -3.11 4.03 -5.87
C ALA A 6 -4.36 3.96 -4.95
N THR A 7 -4.19 3.57 -3.69
CA THR A 7 -5.30 3.43 -2.72
C THR A 7 -5.03 4.08 -1.36
N GLY A 8 -3.77 4.13 -0.91
CA GLY A 8 -3.38 4.77 0.34
C GLY A 8 -3.33 3.82 1.54
N LYS A 9 -2.82 2.59 1.36
CA LYS A 9 -2.56 1.64 2.45
C LYS A 9 -1.34 0.76 2.18
N TRP A 10 -0.86 0.11 3.24
CA TRP A 10 0.16 -0.95 3.17
C TRP A 10 -0.45 -2.30 2.80
N THR A 11 0.35 -3.17 2.20
CA THR A 11 0.06 -4.58 1.88
C THR A 11 1.27 -5.47 2.19
N GLU A 12 1.05 -6.79 2.17
CA GLU A 12 1.99 -7.89 2.38
C GLU A 12 1.67 -9.03 1.41
N LYS A 1 6.41 -5.45 3.90
CA LYS A 1 5.24 -4.60 3.61
C LYS A 1 5.52 -3.79 2.36
N THR A 2 4.52 -3.58 1.52
CA THR A 2 4.57 -2.75 0.31
C THR A 2 3.50 -1.66 0.38
N TRP A 3 3.88 -0.39 0.25
CA TRP A 3 2.91 0.70 0.21
C TRP A 3 2.21 0.72 -1.16
N ASN A 4 0.91 1.02 -1.17
CA ASN A 4 0.10 1.14 -2.39
C ASN A 4 -0.43 2.58 -2.55
N PRO A 5 0.29 3.48 -3.25
CA PRO A 5 -0.15 4.85 -3.51
C PRO A 5 -1.51 4.96 -4.21
N ALA A 6 -1.92 3.94 -4.97
CA ALA A 6 -3.19 3.96 -5.72
C ALA A 6 -4.42 3.91 -4.79
N THR A 7 -4.25 3.39 -3.56
CA THR A 7 -5.33 3.28 -2.57
C THR A 7 -5.01 3.98 -1.25
N GLY A 8 -3.74 4.24 -0.95
CA GLY A 8 -3.30 4.89 0.28
C GLY A 8 -3.23 3.94 1.49
N LYS A 9 -2.89 2.65 1.27
CA LYS A 9 -2.70 1.66 2.34
C LYS A 9 -1.41 0.86 2.15
N TRP A 10 -0.98 0.19 3.23
CA TRP A 10 0.06 -0.84 3.21
C TRP A 10 -0.53 -2.19 2.81
N THR A 11 0.23 -2.94 2.02
CA THR A 11 -0.01 -4.33 1.61
C THR A 11 1.17 -5.19 2.09
N GLU A 12 1.05 -6.52 2.01
CA GLU A 12 2.06 -7.47 2.50
C GLU A 12 3.27 -7.58 1.55
N LYS A 1 6.28 -5.52 4.07
CA LYS A 1 5.11 -4.70 3.66
C LYS A 1 5.46 -3.80 2.48
N THR A 2 4.50 -3.56 1.59
CA THR A 2 4.60 -2.71 0.39
C THR A 2 3.46 -1.69 0.42
N TRP A 3 3.78 -0.41 0.19
CA TRP A 3 2.80 0.67 0.13
C TRP A 3 2.15 0.72 -1.26
N ASN A 4 0.85 1.05 -1.31
CA ASN A 4 0.11 1.21 -2.55
C ASN A 4 -0.43 2.65 -2.68
N PRO A 5 0.30 3.58 -3.34
CA PRO A 5 -0.12 4.97 -3.54
C PRO A 5 -1.51 5.12 -4.18
N ALA A 6 -1.93 4.16 -5.02
CA ALA A 6 -3.24 4.13 -5.66
C ALA A 6 -4.42 4.02 -4.68
N THR A 7 -4.27 3.30 -3.56
CA THR A 7 -5.32 3.15 -2.54
C THR A 7 -4.99 3.83 -1.21
N GLY A 8 -3.72 4.19 -0.97
CA GLY A 8 -3.28 4.84 0.27
C GLY A 8 -3.25 3.88 1.46
N LYS A 9 -2.81 2.63 1.25
CA LYS A 9 -2.66 1.61 2.29
C LYS A 9 -1.37 0.80 2.11
N TRP A 10 -0.96 0.11 3.18
CA TRP A 10 0.08 -0.91 3.16
C TRP A 10 -0.52 -2.29 2.88
N THR A 11 0.28 -3.16 2.25
CA THR A 11 0.01 -4.58 1.99
C THR A 11 1.19 -5.43 2.47
N GLU A 12 0.91 -6.69 2.82
CA GLU A 12 1.90 -7.68 3.23
C GLU A 12 2.47 -8.45 2.04
N LYS A 1 6.35 -5.64 3.73
CA LYS A 1 5.33 -4.57 3.65
C LYS A 1 5.61 -3.74 2.40
N THR A 2 4.57 -3.47 1.62
CA THR A 2 4.62 -2.73 0.35
C THR A 2 3.50 -1.69 0.37
N TRP A 3 3.83 -0.40 0.22
CA TRP A 3 2.84 0.67 0.17
C TRP A 3 2.15 0.70 -1.19
N ASN A 4 0.86 1.03 -1.22
CA ASN A 4 0.06 1.17 -2.43
C ASN A 4 -0.45 2.63 -2.58
N PRO A 5 0.29 3.51 -3.29
CA PRO A 5 -0.14 4.88 -3.56
C PRO A 5 -1.51 5.01 -4.26
N ALA A 6 -1.95 4.01 -5.01
CA ALA A 6 -3.21 4.04 -5.74
C ALA A 6 -4.45 3.99 -4.82
N THR A 7 -4.28 3.48 -3.59
CA THR A 7 -5.36 3.38 -2.59
C THR A 7 -5.03 4.10 -1.27
N GLY A 8 -3.75 4.28 -0.96
CA GLY A 8 -3.29 4.89 0.28
C GLY A 8 -3.35 3.93 1.47
N LYS A 9 -2.89 2.68 1.28
CA LYS A 9 -2.74 1.66 2.32
C LYS A 9 -1.45 0.86 2.14
N TRP A 10 -1.03 0.16 3.19
CA TRP A 10 0.03 -0.84 3.16
C TRP A 10 -0.52 -2.22 2.77
N THR A 11 0.32 -3.04 2.16
CA THR A 11 0.08 -4.43 1.77
C THR A 11 1.30 -5.28 2.18
N GLU A 12 1.21 -6.61 2.11
CA GLU A 12 2.23 -7.51 2.66
C GLU A 12 3.39 -7.79 1.68
N LYS A 1 6.10 -5.84 3.87
CA LYS A 1 4.95 -4.98 3.48
C LYS A 1 5.39 -4.04 2.38
N THR A 2 4.45 -3.64 1.52
CA THR A 2 4.66 -2.73 0.39
C THR A 2 3.58 -1.65 0.43
N TRP A 3 3.93 -0.37 0.29
CA TRP A 3 2.94 0.71 0.23
C TRP A 3 2.22 0.70 -1.12
N ASN A 4 0.91 0.98 -1.14
CA ASN A 4 0.11 1.11 -2.34
C ASN A 4 -0.41 2.55 -2.53
N PRO A 5 0.31 3.43 -3.25
CA PRO A 5 -0.14 4.80 -3.54
C PRO A 5 -1.52 4.88 -4.21
N ALA A 6 -1.93 3.82 -4.93
CA ALA A 6 -3.20 3.78 -5.66
C ALA A 6 -4.43 3.83 -4.73
N THR A 7 -4.31 3.29 -3.50
CA THR A 7 -5.39 3.30 -2.49
C THR A 7 -5.00 3.99 -1.18
N GLY A 8 -3.70 4.25 -0.95
CA GLY A 8 -3.22 4.89 0.27
C GLY A 8 -3.19 3.97 1.48
N LYS A 9 -2.80 2.69 1.30
CA LYS A 9 -2.65 1.70 2.38
C LYS A 9 -1.39 0.85 2.18
N TRP A 10 -0.94 0.20 3.26
CA TRP A 10 0.09 -0.84 3.21
C TRP A 10 -0.54 -2.18 2.80
N THR A 11 0.13 -2.88 1.89
CA THR A 11 -0.15 -4.26 1.47
C THR A 11 0.99 -5.17 1.97
N GLU A 12 0.79 -6.48 1.88
CA GLU A 12 1.79 -7.48 2.26
C GLU A 12 2.79 -7.72 1.12
N LYS A 1 6.45 -5.46 3.99
CA LYS A 1 5.21 -4.81 3.52
C LYS A 1 5.52 -3.91 2.33
N THR A 2 4.50 -3.56 1.54
CA THR A 2 4.63 -2.72 0.34
C THR A 2 3.47 -1.71 0.30
N TRP A 3 3.79 -0.41 0.31
CA TRP A 3 2.81 0.66 0.25
C TRP A 3 2.12 0.70 -1.12
N ASN A 4 0.80 0.89 -1.13
CA ASN A 4 0.01 1.05 -2.34
C ASN A 4 -0.44 2.51 -2.51
N PRO A 5 0.26 3.33 -3.32
CA PRO A 5 -0.10 4.73 -3.54
C PRO A 5 -1.43 4.90 -4.30
N ALA A 6 -1.93 3.86 -4.98
CA ALA A 6 -3.22 3.89 -5.67
C ALA A 6 -4.42 3.98 -4.71
N THR A 7 -4.34 3.34 -3.53
CA THR A 7 -5.41 3.36 -2.51
C THR A 7 -5.01 4.07 -1.21
N GLY A 8 -3.71 4.26 -0.96
CA GLY A 8 -3.20 4.91 0.24
C GLY A 8 -3.17 4.01 1.48
N LYS A 9 -2.83 2.71 1.30
CA LYS A 9 -2.72 1.70 2.37
C LYS A 9 -1.46 0.84 2.18
N TRP A 10 -1.04 0.15 3.24
CA TRP A 10 0.02 -0.86 3.19
C TRP A 10 -0.53 -2.22 2.72
N THR A 11 0.36 -3.03 2.15
CA THR A 11 0.13 -4.38 1.63
C THR A 11 1.25 -5.33 2.08
N GLU A 12 1.10 -6.62 1.80
CA GLU A 12 2.04 -7.71 2.05
C GLU A 12 2.19 -8.59 0.81
N LYS A 1 6.21 -5.90 3.68
CA LYS A 1 5.16 -4.89 3.42
C LYS A 1 5.54 -4.01 2.24
N THR A 2 4.54 -3.61 1.46
CA THR A 2 4.66 -2.72 0.30
C THR A 2 3.55 -1.65 0.38
N TRP A 3 3.89 -0.37 0.22
CA TRP A 3 2.88 0.70 0.20
C TRP A 3 2.18 0.75 -1.17
N ASN A 4 0.85 0.93 -1.16
CA ASN A 4 0.05 1.09 -2.37
C ASN A 4 -0.42 2.55 -2.54
N PRO A 5 0.27 3.38 -3.36
CA PRO A 5 -0.10 4.77 -3.58
C PRO A 5 -1.42 4.95 -4.34
N ALA A 6 -1.94 3.93 -5.04
CA ALA A 6 -3.24 4.00 -5.72
C ALA A 6 -4.42 3.99 -4.75
N THR A 7 -4.26 3.46 -3.53
CA THR A 7 -5.31 3.39 -2.51
C THR A 7 -4.94 4.04 -1.17
N GLY A 8 -3.66 4.28 -0.91
CA GLY A 8 -3.18 4.91 0.32
C GLY A 8 -3.12 3.94 1.51
N LYS A 9 -2.79 2.67 1.26
CA LYS A 9 -2.76 1.61 2.28
C LYS A 9 -1.46 0.79 2.14
N TRP A 10 -1.06 0.12 3.23
CA TRP A 10 0.01 -0.88 3.21
C TRP A 10 -0.54 -2.26 2.82
N THR A 11 0.26 -3.00 2.05
CA THR A 11 0.07 -4.41 1.68
C THR A 11 1.23 -5.24 2.24
N GLU A 12 1.10 -6.57 2.28
CA GLU A 12 2.12 -7.51 2.77
C GLU A 12 3.35 -7.58 1.86
N LYS A 1 6.02 -6.25 3.48
CA LYS A 1 4.92 -5.28 3.26
C LYS A 1 5.34 -4.25 2.22
N THR A 2 4.40 -3.75 1.42
CA THR A 2 4.64 -2.77 0.34
C THR A 2 3.54 -1.71 0.36
N TRP A 3 3.91 -0.43 0.26
CA TRP A 3 2.97 0.68 0.18
C TRP A 3 2.26 0.70 -1.18
N ASN A 4 0.97 1.06 -1.18
CA ASN A 4 0.13 1.07 -2.37
C ASN A 4 -0.45 2.49 -2.60
N PRO A 5 0.29 3.40 -3.27
CA PRO A 5 -0.10 4.80 -3.45
C PRO A 5 -1.52 4.99 -4.02
N ALA A 6 -1.92 4.13 -4.95
CA ALA A 6 -3.22 4.18 -5.63
C ALA A 6 -4.42 3.98 -4.70
N THR A 7 -4.26 3.24 -3.59
CA THR A 7 -5.31 2.98 -2.60
C THR A 7 -5.08 3.72 -1.27
N GLY A 8 -3.84 4.13 -0.99
CA GLY A 8 -3.47 4.86 0.22
C GLY A 8 -3.31 3.98 1.46
N LYS A 9 -2.88 2.71 1.29
CA LYS A 9 -2.55 1.80 2.40
C LYS A 9 -1.30 0.96 2.12
N TRP A 10 -0.81 0.28 3.16
CA TRP A 10 0.17 -0.81 3.07
C TRP A 10 -0.52 -2.13 2.72
N THR A 11 0.16 -2.94 1.92
CA THR A 11 -0.16 -4.35 1.63
C THR A 11 0.91 -5.28 2.22
N GLU A 12 0.53 -6.53 2.45
CA GLU A 12 1.37 -7.57 3.06
C GLU A 12 1.47 -8.80 2.16
N LYS A 1 6.28 -5.72 3.84
CA LYS A 1 5.08 -4.95 3.44
C LYS A 1 5.45 -3.94 2.36
N THR A 2 4.48 -3.52 1.54
CA THR A 2 4.66 -2.56 0.45
C THR A 2 3.50 -1.55 0.45
N TRP A 3 3.82 -0.26 0.31
CA TRP A 3 2.83 0.80 0.24
C TRP A 3 2.15 0.82 -1.13
N ASN A 4 0.82 0.93 -1.14
CA ASN A 4 0.03 1.07 -2.36
C ASN A 4 -0.40 2.54 -2.56
N PRO A 5 0.29 3.33 -3.41
CA PRO A 5 -0.07 4.72 -3.67
C PRO A 5 -1.41 4.87 -4.38
N ALA A 6 -1.94 3.81 -5.01
CA ALA A 6 -3.24 3.85 -5.68
C ALA A 6 -4.42 3.96 -4.71
N THR A 7 -4.34 3.35 -3.52
CA THR A 7 -5.39 3.40 -2.47
C THR A 7 -4.95 4.09 -1.18
N GLY A 8 -3.65 4.26 -0.95
CA GLY A 8 -3.13 4.88 0.27
C GLY A 8 -3.11 3.93 1.48
N LYS A 9 -2.73 2.67 1.28
CA LYS A 9 -2.65 1.64 2.34
C LYS A 9 -1.37 0.80 2.19
N TRP A 10 -0.99 0.09 3.26
CA TRP A 10 0.07 -0.92 3.23
C TRP A 10 -0.50 -2.30 2.88
N THR A 11 0.27 -3.10 2.13
CA THR A 11 -0.06 -4.46 1.72
C THR A 11 1.14 -5.39 1.93
N GLU A 12 0.97 -6.69 1.69
CA GLU A 12 1.98 -7.75 1.81
C GLU A 12 2.28 -8.37 0.44
N LYS A 1 5.96 -6.36 3.00
CA LYS A 1 5.00 -5.25 3.07
C LYS A 1 5.37 -4.20 2.03
N THR A 2 4.39 -3.72 1.26
CA THR A 2 4.56 -2.71 0.20
C THR A 2 3.42 -1.69 0.25
N TRP A 3 3.77 -0.40 0.39
CA TRP A 3 2.81 0.71 0.32
C TRP A 3 2.18 0.79 -1.08
N ASN A 4 0.85 0.91 -1.12
CA ASN A 4 0.08 1.06 -2.35
C ASN A 4 -0.42 2.51 -2.49
N PRO A 5 0.28 3.38 -3.24
CA PRO A 5 -0.14 4.77 -3.45
C PRO A 5 -1.43 4.91 -4.28
N ALA A 6 -1.88 3.86 -4.99
CA ALA A 6 -3.14 3.88 -5.72
C ALA A 6 -4.37 3.81 -4.81
N THR A 7 -4.21 3.34 -3.56
CA THR A 7 -5.28 3.20 -2.56
C THR A 7 -5.00 3.96 -1.25
N GLY A 8 -3.71 4.19 -0.91
CA GLY A 8 -3.32 4.89 0.30
C GLY A 8 -3.23 3.99 1.54
N LYS A 9 -2.81 2.73 1.36
CA LYS A 9 -2.63 1.75 2.44
C LYS A 9 -1.38 0.88 2.23
N TRP A 10 -0.92 0.24 3.30
CA TRP A 10 0.11 -0.80 3.24
C TRP A 10 -0.51 -2.14 2.82
N THR A 11 0.22 -2.86 1.96
CA THR A 11 -0.07 -4.23 1.51
C THR A 11 1.04 -5.15 2.02
N GLU A 12 0.84 -6.46 1.93
CA GLU A 12 1.84 -7.49 2.32
C GLU A 12 2.85 -7.75 1.20
N LYS A 1 6.47 -5.47 3.84
CA LYS A 1 5.33 -4.56 3.61
C LYS A 1 5.53 -3.82 2.29
N THR A 2 4.45 -3.58 1.56
CA THR A 2 4.44 -2.85 0.29
C THR A 2 3.40 -1.72 0.38
N TRP A 3 3.79 -0.48 0.09
CA TRP A 3 2.85 0.64 0.05
C TRP A 3 2.17 0.71 -1.32
N ASN A 4 0.87 1.06 -1.35
CA ASN A 4 0.11 1.18 -2.58
C ASN A 4 -0.44 2.62 -2.75
N PRO A 5 0.32 3.56 -3.36
CA PRO A 5 -0.08 4.97 -3.49
C PRO A 5 -1.49 5.18 -4.04
N ALA A 6 -1.90 4.36 -5.01
CA ALA A 6 -3.20 4.43 -5.65
C ALA A 6 -4.39 4.12 -4.72
N THR A 7 -4.18 3.34 -3.64
CA THR A 7 -5.23 3.01 -2.66
C THR A 7 -5.04 3.74 -1.33
N GLY A 8 -3.80 4.12 -0.99
CA GLY A 8 -3.46 4.81 0.25
C GLY A 8 -3.29 3.87 1.45
N LYS A 9 -2.80 2.64 1.25
CA LYS A 9 -2.60 1.66 2.33
C LYS A 9 -1.35 0.79 2.12
N TRP A 10 -0.91 0.14 3.20
CA TRP A 10 0.12 -0.89 3.21
C TRP A 10 -0.48 -2.30 3.02
N THR A 11 0.25 -3.14 2.29
CA THR A 11 0.02 -4.56 2.05
C THR A 11 1.20 -5.38 2.59
N GLU A 12 0.98 -6.68 2.82
CA GLU A 12 1.98 -7.67 3.26
C GLU A 12 3.19 -7.78 2.33
N LYS A 1 6.12 -5.49 4.01
CA LYS A 1 5.03 -4.52 3.77
C LYS A 1 5.37 -3.68 2.55
N THR A 2 4.41 -3.48 1.64
CA THR A 2 4.54 -2.69 0.40
C THR A 2 3.41 -1.69 0.28
N TRP A 3 3.75 -0.40 0.38
CA TRP A 3 2.80 0.71 0.25
C TRP A 3 2.15 0.73 -1.14
N ASN A 4 0.86 1.07 -1.18
CA ASN A 4 0.07 1.13 -2.41
C ASN A 4 -0.48 2.56 -2.62
N PRO A 5 0.26 3.46 -3.32
CA PRO A 5 -0.17 4.82 -3.61
C PRO A 5 -1.54 4.93 -4.32
N ALA A 6 -1.96 3.90 -5.06
CA ALA A 6 -3.24 3.86 -5.74
C ALA A 6 -4.45 3.80 -4.78
N THR A 7 -4.24 3.42 -3.51
CA THR A 7 -5.30 3.33 -2.49
C THR A 7 -4.95 4.04 -1.17
N GLY A 8 -3.67 4.22 -0.86
CA GLY A 8 -3.23 4.87 0.37
C GLY A 8 -3.15 3.94 1.59
N LYS A 9 -2.83 2.65 1.37
CA LYS A 9 -2.63 1.65 2.43
C LYS A 9 -1.35 0.84 2.20
N TRP A 10 -0.92 0.13 3.25
CA TRP A 10 0.14 -0.87 3.20
C TRP A 10 -0.43 -2.24 2.80
N THR A 11 0.34 -2.97 2.00
CA THR A 11 0.05 -4.32 1.50
C THR A 11 1.10 -5.32 2.01
N GLU A 12 0.84 -6.61 1.83
CA GLU A 12 1.64 -7.75 2.29
C GLU A 12 1.92 -8.70 1.12
N LYS A 1 6.67 -5.32 3.89
CA LYS A 1 5.45 -4.49 3.66
C LYS A 1 5.69 -3.60 2.45
N THR A 2 4.65 -3.35 1.66
CA THR A 2 4.71 -2.59 0.41
C THR A 2 3.55 -1.60 0.39
N TRP A 3 3.82 -0.30 0.33
CA TRP A 3 2.76 0.73 0.30
C TRP A 3 2.09 0.77 -1.08
N ASN A 4 0.76 0.91 -1.09
CA ASN A 4 -0.04 1.04 -2.31
C ASN A 4 -0.46 2.51 -2.54
N PRO A 5 0.25 3.28 -3.39
CA PRO A 5 -0.09 4.67 -3.69
C PRO A 5 -1.41 4.81 -4.49
N ALA A 6 -1.94 3.74 -5.09
CA ALA A 6 -3.21 3.78 -5.82
C ALA A 6 -4.43 3.89 -4.89
N THR A 7 -4.26 3.61 -3.59
CA THR A 7 -5.35 3.64 -2.59
C THR A 7 -4.97 4.31 -1.27
N GLY A 8 -3.70 4.22 -0.85
CA GLY A 8 -3.22 4.83 0.39
C GLY A 8 -3.25 3.89 1.60
N LYS A 9 -2.81 2.64 1.42
CA LYS A 9 -2.68 1.63 2.47
C LYS A 9 -1.43 0.77 2.27
N TRP A 10 -0.99 0.10 3.34
CA TRP A 10 0.06 -0.92 3.27
C TRP A 10 -0.50 -2.24 2.70
N THR A 11 0.40 -3.06 2.14
CA THR A 11 0.11 -4.39 1.60
C THR A 11 1.35 -5.29 1.81
N GLU A 12 1.23 -6.57 1.43
CA GLU A 12 2.23 -7.63 1.58
C GLU A 12 2.51 -8.33 0.25
#